data_6Z4O
#
_entry.id   6Z4O
#
_cell.length_a   38.339
_cell.length_b   67.949
_cell.length_c   50.456
_cell.angle_alpha   90.000
_cell.angle_beta   105.538
_cell.angle_gamma   90.000
#
_symmetry.space_group_name_H-M   'P 1 21 1'
#
loop_
_entity.id
_entity.type
_entity.pdbx_description
1 polymer 'Superoxide dismutase [Cu-Zn]'
2 non-polymer 'ZINC ION'
3 non-polymer ~{N}-(phenylmethyl)-2-selanyl-benzamide
4 non-polymer 'SULFATE ION'
5 water water
#
_entity_poly.entity_id   1
_entity_poly.type   'polypeptide(L)'
_entity_poly.pdbx_seq_one_letter_code
;ATKVVCVLKGDGPVQGIINFEQKESNGPVKVWGSIKGLTEGLHGFHVHEFGDNTAGCTSAGPHFNPLSRKHGGPKDEERH
VGDLGNVTADKDGVADVSIEDSVISLSGDHCIIGRTLVVHEKADDLGKGGNEESTKTGNAGSRLACGVIGIAQ
;
_entity_poly.pdbx_strand_id   AAA,BBB
#
loop_
_chem_comp.id
_chem_comp.type
_chem_comp.name
_chem_comp.formula
Q7T non-polymer ~{N}-(phenylmethyl)-2-selanyl-benzamide 'C14 H13 N O Se'
SO4 non-polymer 'SULFATE ION' 'O4 S -2'
ZN non-polymer 'ZINC ION' 'Zn 2'
#
# COMPACT_ATOMS: atom_id res chain seq x y z
N ALA A 1 -2.86 18.87 4.28
CA ALA A 1 -4.09 18.28 4.85
C ALA A 1 -4.32 16.85 4.34
N THR A 2 -3.68 16.42 3.24
CA THR A 2 -3.58 14.97 2.96
C THR A 2 -2.09 14.59 3.02
N LYS A 3 -1.82 13.52 3.73
CA LYS A 3 -0.47 12.96 3.90
C LYS A 3 -0.52 11.53 3.48
N VAL A 4 0.48 11.14 2.74
CA VAL A 4 0.55 9.79 2.16
C VAL A 4 2.00 9.35 2.25
N VAL A 5 2.25 8.05 2.30
CA VAL A 5 3.63 7.59 2.55
C VAL A 5 3.86 6.31 1.79
N CYS A 6 5.12 6.02 1.48
CA CYS A 6 5.50 4.78 0.81
C CYS A 6 6.82 4.30 1.34
N VAL A 7 6.89 3.04 1.70
CA VAL A 7 8.14 2.38 2.11
C VAL A 7 8.67 1.58 0.93
N LEU A 8 9.82 2.00 0.39
CA LEU A 8 10.44 1.29 -0.76
C LEU A 8 11.34 0.17 -0.25
N LYS A 9 11.12 -1.04 -0.73
CA LYS A 9 12.02 -2.14 -0.39
C LYS A 9 12.31 -2.87 -1.69
N GLY A 10 13.59 -3.26 -1.72
CA GLY A 10 14.25 -4.02 -2.78
C GLY A 10 15.65 -4.34 -2.35
N ASP A 11 16.28 -5.17 -3.16
CA ASP A 11 17.59 -5.80 -2.89
C ASP A 11 18.71 -4.75 -2.94
N GLY A 12 19.59 -4.75 -1.97
CA GLY A 12 20.77 -3.87 -1.96
C GLY A 12 21.37 -3.80 -0.57
N PRO A 13 20.62 -3.37 0.49
CA PRO A 13 19.22 -2.99 0.37
C PRO A 13 19.07 -1.71 -0.45
N VAL A 14 18.23 -1.71 -1.48
CA VAL A 14 17.66 -0.41 -1.94
C VAL A 14 16.44 -0.21 -1.07
N GLN A 15 16.51 0.79 -0.23
CA GLN A 15 15.37 1.02 0.70
C GLN A 15 15.19 2.49 0.93
N GLY A 16 13.95 2.89 1.11
CA GLY A 16 13.68 4.31 1.29
C GLY A 16 12.32 4.56 1.90
N ILE A 17 12.15 5.77 2.38
CA ILE A 17 10.82 6.22 2.86
C ILE A 17 10.51 7.50 2.12
N ILE A 18 9.38 7.52 1.43
CA ILE A 18 8.97 8.67 0.65
C ILE A 18 7.64 9.16 1.23
N ASN A 19 7.60 10.41 1.58
CA ASN A 19 6.40 11.10 2.05
C ASN A 19 5.82 11.96 0.95
N PHE A 20 4.51 12.09 0.95
CA PHE A 20 3.72 12.89 0.04
C PHE A 20 2.78 13.75 0.86
N GLU A 21 2.69 15.03 0.52
CA GLU A 21 1.71 15.91 1.18
C GLU A 21 1.06 16.84 0.19
N GLN A 22 -0.23 17.05 0.38
CA GLN A 22 -1.05 17.87 -0.52
C GLN A 22 -1.95 18.74 0.36
N LYS A 23 -1.72 20.03 0.31
CA LYS A 23 -2.39 20.99 1.23
C LYS A 23 -3.86 21.15 0.82
N GLU A 24 -4.17 21.11 -0.48
CA GLU A 24 -5.56 21.24 -1.01
C GLU A 24 -5.74 20.26 -2.19
N SER A 25 -6.95 19.75 -2.43
CA SER A 25 -7.21 18.77 -3.52
C SER A 25 -6.86 19.41 -4.87
N ASN A 26 -6.92 20.74 -4.98
CA ASN A 26 -6.59 21.39 -6.29
C ASN A 26 -5.06 21.59 -6.38
N GLY A 27 -4.28 21.18 -5.38
CA GLY A 27 -2.94 21.75 -5.18
C GLY A 27 -1.83 20.80 -5.54
N PRO A 28 -0.59 21.31 -5.57
CA PRO A 28 0.58 20.50 -5.81
C PRO A 28 0.82 19.53 -4.66
N VAL A 29 1.54 18.46 -4.98
CA VAL A 29 1.94 17.44 -3.99
C VAL A 29 3.44 17.64 -3.76
N LYS A 30 3.83 17.77 -2.53
CA LYS A 30 5.25 17.79 -2.14
C LYS A 30 5.63 16.34 -1.91
N VAL A 31 6.79 15.96 -2.40
CA VAL A 31 7.27 14.56 -2.28
C VAL A 31 8.66 14.66 -1.69
N TRP A 32 8.95 14.00 -0.61
CA TRP A 32 10.28 14.12 0.01
C TRP A 32 10.64 12.90 0.80
N GLY A 33 11.92 12.62 0.89
CA GLY A 33 12.39 11.52 1.72
C GLY A 33 13.77 11.13 1.29
N SER A 34 14.15 9.89 1.57
N SER A 34 14.16 9.90 1.60
CA SER A 34 15.52 9.42 1.34
CA SER A 34 15.54 9.45 1.28
C SER A 34 15.47 7.99 0.80
C SER A 34 15.48 8.01 0.80
N ILE A 35 16.35 7.71 -0.15
CA ILE A 35 16.54 6.32 -0.65
C ILE A 35 18.03 6.04 -0.55
N LYS A 36 18.34 4.91 0.01
CA LYS A 36 19.77 4.47 0.13
C LYS A 36 20.00 3.17 -0.64
N GLY A 37 21.27 2.81 -0.82
CA GLY A 37 21.62 1.56 -1.50
C GLY A 37 21.68 1.68 -3.00
N LEU A 38 21.59 2.90 -3.54
CA LEU A 38 21.53 3.11 -4.99
C LEU A 38 22.94 3.26 -5.57
N THR A 39 23.09 2.92 -6.83
CA THR A 39 24.31 3.28 -7.59
C THR A 39 24.28 4.78 -7.88
N GLU A 40 25.45 5.40 -7.98
CA GLU A 40 25.53 6.85 -8.26
C GLU A 40 24.88 7.17 -9.60
N GLY A 41 24.12 8.27 -9.64
CA GLY A 41 23.49 8.67 -10.88
C GLY A 41 22.00 8.68 -10.75
N LEU A 42 21.37 8.77 -11.90
CA LEU A 42 19.91 9.00 -11.99
C LEU A 42 19.25 7.63 -11.89
N HIS A 43 18.12 7.63 -11.20
CA HIS A 43 17.22 6.44 -11.12
C HIS A 43 15.81 6.88 -11.44
N GLY A 44 15.17 6.26 -12.41
CA GLY A 44 13.79 6.59 -12.74
C GLY A 44 12.91 6.35 -11.53
N PHE A 45 11.95 7.21 -11.40
CA PHE A 45 11.14 7.32 -10.16
C PHE A 45 9.70 7.52 -10.61
N HIS A 46 8.88 6.47 -10.48
CA HIS A 46 7.55 6.48 -11.07
C HIS A 46 6.51 5.94 -10.13
N VAL A 47 5.29 6.41 -10.34
CA VAL A 47 4.12 5.72 -9.78
C VAL A 47 3.62 4.75 -10.85
N HIS A 48 3.55 3.48 -10.52
CA HIS A 48 3.04 2.42 -11.39
C HIS A 48 1.58 2.16 -11.05
N GLU A 49 0.89 1.50 -11.96
CA GLU A 49 -0.58 1.50 -11.99
C GLU A 49 -1.14 0.70 -10.79
N PHE A 50 -0.59 -0.42 -10.49
CA PHE A 50 -1.22 -1.35 -9.53
C PHE A 50 -0.46 -1.32 -8.23
N GLY A 51 -1.17 -1.32 -7.10
CA GLY A 51 -0.59 -1.49 -5.78
C GLY A 51 -0.51 -2.95 -5.44
N ASP A 52 0.04 -3.72 -6.37
CA ASP A 52 0.09 -5.19 -6.28
C ASP A 52 1.55 -5.58 -6.22
N ASN A 53 1.99 -6.09 -5.08
N ASN A 53 1.99 -6.08 -5.08
CA ASN A 53 3.37 -6.58 -4.88
CA ASN A 53 3.37 -6.59 -4.87
C ASN A 53 3.37 -8.11 -4.70
C ASN A 53 3.39 -8.12 -4.74
N THR A 54 2.35 -8.78 -5.22
CA THR A 54 2.20 -10.26 -5.11
C THR A 54 3.51 -10.95 -5.50
N ALA A 55 4.07 -10.60 -6.64
CA ALA A 55 5.30 -11.31 -7.04
C ALA A 55 6.49 -10.37 -7.06
N GLY A 56 6.47 -9.34 -6.20
CA GLY A 56 7.48 -8.27 -6.17
C GLY A 56 6.98 -7.04 -6.93
N CYS A 57 7.91 -6.24 -7.41
CA CYS A 57 7.65 -4.96 -8.06
C CYS A 57 7.09 -5.14 -9.47
N THR A 58 7.31 -6.29 -10.11
CA THR A 58 6.81 -6.49 -11.49
CA THR A 58 6.80 -6.55 -11.47
C THR A 58 5.27 -6.52 -11.48
N SER A 59 4.66 -6.93 -10.37
CA SER A 59 3.21 -7.02 -10.26
C SER A 59 2.56 -5.62 -10.33
N ALA A 60 3.34 -4.56 -10.16
CA ALA A 60 2.78 -3.20 -10.16
C ALA A 60 2.37 -2.78 -11.57
N GLY A 61 2.82 -3.49 -12.63
CA GLY A 61 2.37 -3.12 -13.96
C GLY A 61 3.09 -1.88 -14.48
N PRO A 62 2.52 -1.27 -15.53
CA PRO A 62 3.15 -0.16 -16.19
C PRO A 62 3.05 1.13 -15.39
N HIS A 63 3.66 2.21 -15.86
CA HIS A 63 3.47 3.53 -15.26
C HIS A 63 1.99 3.85 -15.15
N PHE A 64 1.62 4.48 -14.04
CA PHE A 64 0.23 4.95 -13.87
C PHE A 64 -0.07 5.99 -14.94
N ASN A 65 -1.04 5.67 -15.74
CA ASN A 65 -1.35 6.43 -16.97
C ASN A 65 -2.84 6.50 -17.20
N PRO A 66 -3.59 7.13 -16.27
CA PRO A 66 -5.02 7.19 -16.40
C PRO A 66 -5.45 7.96 -17.66
N LEU A 67 -4.59 8.83 -18.21
CA LEU A 67 -5.02 9.70 -19.34
C LEU A 67 -4.55 9.10 -20.66
N SER A 68 -3.92 7.91 -20.68
CA SER A 68 -3.51 7.25 -21.93
C SER A 68 -2.55 8.13 -22.72
N ARG A 69 -1.60 8.75 -22.10
CA ARG A 69 -0.57 9.59 -22.74
C ARG A 69 0.72 8.79 -22.88
N LYS A 70 1.65 9.36 -23.63
CA LYS A 70 3.02 8.84 -23.73
C LYS A 70 3.86 9.23 -22.51
N HIS A 71 4.91 8.46 -22.25
CA HIS A 71 5.89 8.75 -21.19
C HIS A 71 6.56 10.09 -21.43
N GLY A 72 6.83 10.83 -20.39
CA GLY A 72 7.64 12.05 -20.42
C GLY A 72 8.28 12.33 -19.08
N GLY A 73 8.87 13.52 -18.91
CA GLY A 73 9.40 14.03 -17.65
C GLY A 73 8.28 14.75 -16.93
N PRO A 74 8.47 14.99 -15.63
CA PRO A 74 7.46 15.62 -14.80
C PRO A 74 7.08 17.02 -15.30
N LYS A 75 8.01 17.71 -15.96
CA LYS A 75 7.74 19.10 -16.40
C LYS A 75 7.05 19.10 -17.76
N ASP A 76 6.84 17.96 -18.39
CA ASP A 76 6.21 17.86 -19.73
C ASP A 76 4.68 17.77 -19.63
N GLU A 77 3.95 18.42 -20.54
CA GLU A 77 2.48 18.23 -20.67
C GLU A 77 2.22 16.78 -21.11
N GLU A 78 2.99 16.29 -22.05
CA GLU A 78 2.87 14.89 -22.50
C GLU A 78 3.67 14.01 -21.53
N ARG A 79 2.97 13.46 -20.55
CA ARG A 79 3.61 12.55 -19.54
C ARG A 79 2.51 11.61 -19.07
N HIS A 80 2.94 10.50 -18.47
CA HIS A 80 2.04 9.70 -17.61
C HIS A 80 1.84 10.45 -16.31
N VAL A 81 0.69 10.28 -15.69
CA VAL A 81 0.49 10.86 -14.35
C VAL A 81 1.62 10.39 -13.43
N GLY A 82 2.02 9.11 -13.52
CA GLY A 82 3.07 8.57 -12.66
C GLY A 82 4.50 9.00 -12.96
N ASP A 83 4.71 9.88 -13.95
CA ASP A 83 6.08 10.25 -14.38
C ASP A 83 6.72 11.28 -13.45
N LEU A 84 7.50 10.83 -12.47
CA LEU A 84 8.15 11.74 -11.50
C LEU A 84 9.64 11.91 -11.83
N GLY A 85 10.03 11.50 -13.02
CA GLY A 85 11.41 11.78 -13.51
C GLY A 85 12.44 10.89 -12.88
N ASN A 86 13.48 11.47 -12.31
CA ASN A 86 14.60 10.76 -11.68
C ASN A 86 14.86 11.24 -10.27
N VAL A 87 15.37 10.36 -9.43
CA VAL A 87 16.02 10.75 -8.17
C VAL A 87 17.50 10.54 -8.50
N THR A 88 18.37 11.25 -7.82
CA THR A 88 19.81 11.25 -8.11
C THR A 88 20.50 10.81 -6.84
N ALA A 89 21.22 9.70 -6.95
CA ALA A 89 22.07 9.18 -5.88
C ALA A 89 23.51 9.67 -6.08
N ASP A 90 24.13 9.89 -4.94
N ASP A 90 24.13 9.89 -4.94
CA ASP A 90 25.55 10.31 -4.89
CA ASP A 90 25.55 10.30 -4.88
C ASP A 90 26.42 9.05 -4.77
C ASP A 90 26.41 9.05 -4.76
N LYS A 91 27.72 9.24 -4.60
CA LYS A 91 28.66 8.12 -4.36
C LYS A 91 28.28 7.35 -3.10
N ASP A 92 27.64 8.02 -2.12
N ASP A 92 27.63 8.03 -2.14
CA ASP A 92 27.25 7.34 -0.86
CA ASP A 92 27.23 7.42 -0.85
C ASP A 92 26.06 6.42 -1.13
C ASP A 92 26.04 6.47 -1.12
N GLY A 93 25.48 6.51 -2.32
CA GLY A 93 24.33 5.67 -2.73
C GLY A 93 23.02 6.23 -2.22
N VAL A 94 23.02 7.47 -1.72
CA VAL A 94 21.80 8.10 -1.13
C VAL A 94 21.23 9.12 -2.10
N ALA A 95 19.91 9.01 -2.34
CA ALA A 95 19.14 10.03 -3.08
C ALA A 95 18.28 10.74 -2.07
N ASP A 96 18.52 12.04 -2.00
CA ASP A 96 17.67 12.95 -1.22
CA ASP A 96 17.67 12.95 -1.21
C ASP A 96 16.54 13.41 -2.12
N VAL A 97 15.32 12.98 -1.80
CA VAL A 97 14.16 13.23 -2.68
C VAL A 97 13.46 14.49 -2.20
N SER A 98 13.32 15.40 -3.12
CA SER A 98 12.63 16.68 -2.92
C SER A 98 12.00 17.10 -4.25
N ILE A 99 10.72 16.82 -4.42
CA ILE A 99 9.97 16.97 -5.69
C ILE A 99 8.70 17.76 -5.35
N GLU A 100 8.24 18.66 -6.20
CA GLU A 100 6.86 19.16 -6.07
C GLU A 100 6.22 18.87 -7.42
N ASP A 101 5.04 18.27 -7.43
CA ASP A 101 4.39 17.87 -8.68
C ASP A 101 2.93 18.28 -8.70
N SER A 102 2.46 18.77 -9.82
CA SER A 102 1.06 19.28 -9.92
CA SER A 102 1.09 19.32 -9.98
C SER A 102 0.16 18.31 -10.69
N VAL A 103 0.67 17.17 -11.11
CA VAL A 103 -0.10 16.22 -11.92
C VAL A 103 -0.56 15.04 -11.04
N ILE A 104 0.35 14.44 -10.28
CA ILE A 104 -0.10 13.46 -9.25
C ILE A 104 -1.03 14.19 -8.30
N SER A 105 -1.89 13.43 -7.64
CA SER A 105 -2.77 13.96 -6.59
C SER A 105 -2.96 12.91 -5.53
N LEU A 106 -3.45 13.36 -4.38
CA LEU A 106 -3.83 12.49 -3.27
C LEU A 106 -5.36 12.43 -3.18
N SER A 107 -6.06 12.93 -4.20
CA SER A 107 -7.53 12.80 -4.42
C SER A 107 -7.89 12.68 -5.89
N GLY A 108 -9.14 12.33 -6.22
CA GLY A 108 -9.58 12.40 -7.63
C GLY A 108 -9.02 11.30 -8.52
N ASP A 109 -9.21 11.45 -9.83
CA ASP A 109 -8.91 10.42 -10.86
C ASP A 109 -7.39 10.25 -11.01
N HIS A 110 -6.65 11.27 -10.54
CA HIS A 110 -5.16 11.21 -10.61
C HIS A 110 -4.58 10.82 -9.27
N CYS A 111 -5.41 10.27 -8.39
CA CYS A 111 -4.95 9.84 -7.05
C CYS A 111 -3.99 8.69 -7.16
N ILE A 112 -2.92 8.76 -6.38
CA ILE A 112 -1.85 7.74 -6.40
C ILE A 112 -1.97 6.74 -5.23
N ILE A 113 -2.90 7.02 -4.33
CA ILE A 113 -3.07 6.11 -3.16
C ILE A 113 -3.47 4.72 -3.64
N GLY A 114 -2.81 3.70 -3.09
CA GLY A 114 -3.12 2.33 -3.47
C GLY A 114 -2.36 1.88 -4.69
N ARG A 115 -1.53 2.75 -5.26
CA ARG A 115 -0.66 2.43 -6.43
C ARG A 115 0.70 2.08 -5.85
N THR A 116 1.69 1.88 -6.71
CA THR A 116 3.04 1.51 -6.31
C THR A 116 4.05 2.58 -6.74
N LEU A 117 4.91 2.99 -5.83
CA LEU A 117 6.06 3.85 -6.18
C LEU A 117 7.23 2.92 -6.46
N VAL A 118 7.95 3.20 -7.56
CA VAL A 118 9.10 2.32 -7.94
C VAL A 118 10.32 3.22 -8.18
N VAL A 119 11.44 2.80 -7.64
CA VAL A 119 12.73 3.38 -8.05
C VAL A 119 13.46 2.36 -8.95
N HIS A 120 13.90 2.85 -10.10
CA HIS A 120 14.44 2.01 -11.20
C HIS A 120 15.97 1.96 -11.23
N GLU A 121 16.41 0.94 -11.96
CA GLU A 121 17.83 0.56 -12.22
C GLU A 121 18.61 1.71 -12.84
N LYS A 122 18.05 2.31 -13.88
CA LYS A 122 18.79 3.28 -14.72
C LYS A 122 18.10 4.63 -14.72
N ALA A 123 18.70 5.61 -15.37
CA ALA A 123 18.07 6.88 -15.70
C ALA A 123 16.83 6.72 -16.58
N ASP A 124 15.80 7.50 -16.22
CA ASP A 124 14.69 7.85 -17.10
C ASP A 124 15.16 8.95 -18.05
N ASP A 125 15.03 8.69 -19.32
CA ASP A 125 15.44 9.66 -20.37
C ASP A 125 14.34 10.69 -20.60
N LEU A 126 13.28 10.62 -19.79
CA LEU A 126 12.16 11.60 -19.80
C LEU A 126 11.54 11.64 -21.19
N GLY A 127 11.55 10.51 -21.89
CA GLY A 127 10.96 10.34 -23.22
C GLY A 127 11.72 11.01 -24.35
N LYS A 128 12.91 11.53 -24.08
CA LYS A 128 13.70 12.30 -25.10
C LYS A 128 14.77 11.37 -25.67
N GLY A 129 14.61 10.05 -25.49
CA GLY A 129 15.68 9.07 -25.73
C GLY A 129 15.76 8.63 -27.19
N GLY A 130 14.75 8.91 -28.01
CA GLY A 130 14.75 8.61 -29.46
C GLY A 130 14.83 7.12 -29.77
N ASN A 131 14.38 6.26 -28.86
CA ASN A 131 13.91 4.90 -29.24
C ASN A 131 12.44 4.80 -28.81
N GLU A 132 11.78 3.73 -29.25
CA GLU A 132 10.36 3.47 -28.95
C GLU A 132 10.14 3.39 -27.45
N GLU A 133 11.01 2.65 -26.77
CA GLU A 133 10.85 2.43 -25.32
C GLU A 133 10.92 3.75 -24.56
N SER A 134 11.57 4.79 -25.11
CA SER A 134 11.69 6.10 -24.41
C SER A 134 10.30 6.65 -24.07
N THR A 135 9.35 6.47 -24.99
CA THR A 135 7.97 7.03 -24.98
C THR A 135 7.07 6.15 -24.13
N LYS A 136 7.59 5.06 -23.56
CA LYS A 136 6.79 4.11 -22.75
C LYS A 136 7.36 4.03 -21.34
N THR A 137 8.63 3.68 -21.21
CA THR A 137 9.26 3.43 -19.88
C THR A 137 10.36 4.44 -19.58
N GLY A 138 10.84 5.23 -20.57
CA GLY A 138 11.99 6.14 -20.37
C GLY A 138 13.29 5.36 -20.30
N ASN A 139 13.25 4.07 -20.61
CA ASN A 139 14.47 3.21 -20.63
C ASN A 139 15.09 3.12 -19.23
N ALA A 140 14.26 3.21 -18.19
CA ALA A 140 14.80 3.24 -16.82
C ALA A 140 15.07 1.82 -16.28
N GLY A 141 14.71 0.78 -17.01
CA GLY A 141 15.17 -0.57 -16.68
C GLY A 141 14.44 -1.11 -15.46
N SER A 142 15.14 -1.96 -14.73
CA SER A 142 14.45 -2.89 -13.82
C SER A 142 13.99 -2.13 -12.57
N ARG A 143 13.27 -2.82 -11.74
CA ARG A 143 12.66 -2.20 -10.53
C ARG A 143 13.47 -2.59 -9.31
N LEU A 144 14.20 -1.66 -8.78
CA LEU A 144 15.12 -1.92 -7.66
C LEU A 144 14.34 -2.06 -6.34
N ALA A 145 13.38 -1.18 -6.11
CA ALA A 145 12.60 -1.18 -4.89
C ALA A 145 11.24 -0.54 -5.16
N CYS A 146 10.28 -0.97 -4.37
CA CYS A 146 8.93 -0.43 -4.54
C CYS A 146 8.17 -0.55 -3.25
N GLY A 147 7.02 0.07 -3.24
CA GLY A 147 6.06 -0.04 -2.13
C GLY A 147 4.72 0.45 -2.56
N VAL A 148 3.71 0.06 -1.80
CA VAL A 148 2.33 0.51 -2.06
C VAL A 148 2.18 1.84 -1.36
N ILE A 149 1.53 2.77 -2.00
CA ILE A 149 1.35 4.13 -1.49
C ILE A 149 0.13 4.20 -0.57
N GLY A 150 0.36 4.53 0.68
CA GLY A 150 -0.66 4.43 1.71
C GLY A 150 -1.01 5.74 2.38
N ILE A 151 -2.16 5.77 3.01
CA ILE A 151 -2.64 6.96 3.75
C ILE A 151 -1.84 7.07 5.03
N ALA A 152 -1.35 8.28 5.31
CA ALA A 152 -0.59 8.58 6.52
C ALA A 152 -1.45 9.43 7.43
N GLN A 153 -0.99 9.47 8.65
CA GLN A 153 -1.62 10.25 9.74
C GLN A 153 -1.35 11.74 9.51
N ALA B 1 -15.67 -6.18 -10.27
CA ALA B 1 -15.29 -5.02 -11.12
C ALA B 1 -14.27 -4.12 -10.40
N THR B 2 -14.17 -4.13 -9.06
CA THR B 2 -12.97 -3.58 -8.39
C THR B 2 -12.25 -4.73 -7.68
N LYS B 3 -10.94 -4.79 -7.85
CA LYS B 3 -10.06 -5.81 -7.28
C LYS B 3 -8.95 -5.09 -6.58
N VAL B 4 -8.63 -5.59 -5.40
CA VAL B 4 -7.65 -4.96 -4.50
C VAL B 4 -6.88 -6.10 -3.86
N VAL B 5 -5.66 -5.87 -3.43
CA VAL B 5 -4.81 -6.98 -2.98
C VAL B 5 -3.96 -6.46 -1.84
N CYS B 6 -3.46 -7.36 -1.01
CA CYS B 6 -2.59 -7.02 0.10
C CYS B 6 -1.60 -8.13 0.31
N VAL B 7 -0.33 -7.82 0.37
CA VAL B 7 0.76 -8.78 0.69
C VAL B 7 1.12 -8.60 2.15
N LEU B 8 0.89 -9.61 2.98
CA LEU B 8 1.17 -9.55 4.43
C LEU B 8 2.60 -10.01 4.67
N LYS B 9 3.38 -9.18 5.32
CA LYS B 9 4.78 -9.50 5.71
C LYS B 9 5.01 -8.90 7.07
N GLY B 10 5.90 -9.49 7.86
CA GLY B 10 6.33 -8.90 9.12
C GLY B 10 7.73 -9.34 9.49
N ASP B 11 8.03 -9.30 10.77
CA ASP B 11 9.42 -9.49 11.27
C ASP B 11 9.68 -10.98 11.51
N GLY B 12 8.67 -11.81 11.52
CA GLY B 12 8.81 -13.24 11.83
C GLY B 12 8.32 -14.10 10.67
N PRO B 13 7.75 -15.29 10.97
CA PRO B 13 7.41 -16.25 9.92
C PRO B 13 6.09 -16.00 9.19
N VAL B 14 5.32 -15.01 9.63
CA VAL B 14 3.92 -14.90 9.15
C VAL B 14 3.94 -14.16 7.83
N GLN B 15 3.34 -14.74 6.83
CA GLN B 15 3.23 -14.09 5.52
C GLN B 15 1.99 -14.58 4.81
N GLY B 16 1.43 -13.76 3.95
CA GLY B 16 0.21 -14.15 3.25
C GLY B 16 -0.11 -13.23 2.11
N ILE B 17 -1.09 -13.62 1.34
CA ILE B 17 -1.62 -12.81 0.22
C ILE B 17 -3.12 -12.82 0.39
N ILE B 18 -3.72 -11.65 0.43
CA ILE B 18 -5.17 -11.52 0.57
C ILE B 18 -5.70 -10.70 -0.59
N ASN B 19 -6.68 -11.23 -1.24
CA ASN B 19 -7.37 -10.58 -2.36
C ASN B 19 -8.74 -10.08 -1.90
N PHE B 20 -9.19 -8.99 -2.47
CA PHE B 20 -10.49 -8.36 -2.23
C PHE B 20 -11.15 -8.05 -3.55
N GLU B 21 -12.44 -8.39 -3.67
CA GLU B 21 -13.18 -8.05 -4.92
C GLU B 21 -14.57 -7.58 -4.60
N GLN B 22 -14.99 -6.53 -5.27
CA GLN B 22 -16.32 -5.90 -5.08
C GLN B 22 -16.92 -5.72 -6.47
N LYS B 23 -17.99 -6.46 -6.69
CA LYS B 23 -18.64 -6.56 -8.02
C LYS B 23 -19.39 -5.26 -8.28
N GLU B 24 -20.03 -4.68 -7.26
CA GLU B 24 -20.90 -3.50 -7.42
C GLU B 24 -20.51 -2.44 -6.39
N SER B 25 -20.64 -1.18 -6.81
CA SER B 25 -20.10 0.06 -6.19
C SER B 25 -20.28 0.04 -4.68
N ASN B 26 -21.40 -0.45 -4.19
CA ASN B 26 -21.71 -0.41 -2.75
C ASN B 26 -22.13 -1.83 -2.31
N GLY B 27 -21.76 -2.85 -3.08
CA GLY B 27 -22.11 -4.25 -2.79
C GLY B 27 -21.10 -4.90 -1.83
N PRO B 28 -21.28 -6.20 -1.51
CA PRO B 28 -20.39 -6.88 -0.59
C PRO B 28 -19.00 -7.07 -1.20
N VAL B 29 -18.00 -7.21 -0.35
CA VAL B 29 -16.60 -7.43 -0.76
C VAL B 29 -16.27 -8.88 -0.41
N LYS B 30 -15.78 -9.63 -1.38
N LYS B 30 -15.82 -9.65 -1.39
CA LYS B 30 -15.24 -10.98 -1.16
CA LYS B 30 -15.26 -10.99 -1.14
C LYS B 30 -13.77 -10.83 -0.78
C LYS B 30 -13.80 -10.80 -0.76
N VAL B 31 -13.34 -11.57 0.22
CA VAL B 31 -11.96 -11.49 0.73
C VAL B 31 -11.46 -12.91 0.75
N TRP B 32 -10.34 -13.20 0.14
CA TRP B 32 -9.85 -14.58 0.10
C TRP B 32 -8.36 -14.65 -0.08
N GLY B 33 -7.77 -15.70 0.44
CA GLY B 33 -6.34 -15.92 0.26
C GLY B 33 -5.82 -16.84 1.32
N SER B 34 -4.54 -16.71 1.62
CA SER B 34 -3.85 -17.69 2.46
C SER B 34 -2.84 -16.95 3.31
N ILE B 35 -2.70 -17.38 4.56
CA ILE B 35 -1.68 -16.83 5.48
C ILE B 35 -1.01 -18.07 6.07
N LYS B 36 0.30 -18.09 6.06
CA LYS B 36 1.08 -19.20 6.67
C LYS B 36 1.99 -18.67 7.79
N GLY B 37 2.59 -19.57 8.57
CA GLY B 37 3.49 -19.22 9.66
C GLY B 37 2.78 -18.91 10.95
N LEU B 38 1.47 -19.18 11.03
CA LEU B 38 0.67 -18.79 12.21
C LEU B 38 0.68 -19.91 13.24
N THR B 39 0.50 -19.57 14.50
CA THR B 39 0.13 -20.56 15.53
C THR B 39 -1.29 -21.09 15.24
N GLU B 40 -1.58 -22.31 15.64
CA GLU B 40 -2.94 -22.85 15.51
C GLU B 40 -3.93 -22.00 16.29
N GLY B 41 -5.10 -21.75 15.71
CA GLY B 41 -6.15 -21.04 16.40
C GLY B 41 -6.47 -19.72 15.73
N LEU B 42 -7.17 -18.87 16.44
CA LEU B 42 -7.73 -17.63 15.90
C LEU B 42 -6.65 -16.56 15.95
N HIS B 43 -6.66 -15.75 14.88
CA HIS B 43 -5.82 -14.55 14.78
C HIS B 43 -6.69 -13.37 14.34
N GLY B 44 -6.70 -12.30 15.09
CA GLY B 44 -7.45 -11.10 14.74
C GLY B 44 -6.98 -10.58 13.42
N PHE B 45 -7.94 -10.10 12.67
CA PHE B 45 -7.77 -9.79 11.22
C PHE B 45 -8.46 -8.46 10.97
N HIS B 46 -7.70 -7.39 10.82
CA HIS B 46 -8.28 -6.04 10.80
C HIS B 46 -7.68 -5.20 9.70
N VAL B 47 -8.50 -4.26 9.26
CA VAL B 47 -8.01 -3.11 8.48
C VAL B 47 -7.70 -1.98 9.47
N HIS B 48 -6.48 -1.53 9.50
CA HIS B 48 -6.04 -0.45 10.39
C HIS B 48 -6.01 0.84 9.58
N GLU B 49 -6.01 1.96 10.26
CA GLU B 49 -6.32 3.26 9.66
C GLU B 49 -5.26 3.71 8.65
N PHE B 50 -4.00 3.52 8.93
CA PHE B 50 -2.94 4.16 8.14
C PHE B 50 -2.27 3.09 7.29
N GLY B 51 -2.05 3.38 5.99
CA GLY B 51 -1.19 2.60 5.11
C GLY B 51 0.22 3.00 5.26
N ASP B 52 0.66 3.07 6.53
CA ASP B 52 1.99 3.58 6.92
C ASP B 52 2.76 2.42 7.53
N ASN B 53 3.78 1.93 6.84
CA ASN B 53 4.64 0.82 7.33
C ASN B 53 6.05 1.35 7.66
N THR B 54 6.17 2.62 7.87
CA THR B 54 7.48 3.29 8.17
C THR B 54 8.24 2.47 9.21
N ALA B 55 7.60 2.13 10.31
CA ALA B 55 8.37 1.45 11.38
C ALA B 55 7.80 0.06 11.60
N GLY B 56 7.30 -0.58 10.54
CA GLY B 56 6.59 -1.86 10.62
C GLY B 56 5.12 -1.64 10.87
N CYS B 57 4.45 -2.69 11.30
CA CYS B 57 2.98 -2.70 11.42
C CYS B 57 2.46 -1.73 12.47
N THR B 58 3.28 -1.31 13.44
N THR B 58 3.29 -1.32 13.42
CA THR B 58 2.79 -0.41 14.49
CA THR B 58 2.86 -0.41 14.47
C THR B 58 2.41 0.95 13.87
C THR B 58 2.44 0.93 13.87
N SER B 59 3.06 1.33 12.76
CA SER B 59 2.81 2.61 12.10
C SER B 59 1.37 2.68 11.52
N ALA B 60 0.71 1.55 11.38
CA ALA B 60 -0.63 1.50 10.81
C ALA B 60 -1.68 2.13 11.73
N GLY B 61 -1.38 2.28 13.03
CA GLY B 61 -2.35 2.96 13.88
C GLY B 61 -3.48 2.03 14.28
N PRO B 62 -4.59 2.62 14.75
CA PRO B 62 -5.69 1.86 15.34
C PRO B 62 -6.55 1.22 14.25
N HIS B 63 -7.58 0.46 14.59
CA HIS B 63 -8.50 -0.08 13.59
C HIS B 63 -9.13 1.04 12.81
N PHE B 64 -9.32 0.81 11.50
CA PHE B 64 -9.97 1.80 10.62
C PHE B 64 -11.42 1.97 11.07
N ASN B 65 -11.73 3.19 11.47
CA ASN B 65 -12.97 3.47 12.22
C ASN B 65 -13.53 4.83 11.77
N PRO B 66 -13.82 5.03 10.48
CA PRO B 66 -14.33 6.30 9.98
C PRO B 66 -15.63 6.70 10.71
N LEU B 67 -16.40 5.76 11.28
CA LEU B 67 -17.76 6.05 11.81
C LEU B 67 -17.70 6.18 13.32
N SER B 68 -16.53 6.16 13.95
CA SER B 68 -16.39 6.35 15.41
C SER B 68 -17.29 5.38 16.17
N ARG B 69 -17.22 4.11 15.84
CA ARG B 69 -17.97 3.06 16.56
C ARG B 69 -16.99 2.34 17.50
N LYS B 70 -17.53 1.50 18.36
CA LYS B 70 -16.75 0.55 19.19
C LYS B 70 -16.36 -0.68 18.37
N HIS B 71 -15.31 -1.37 18.83
CA HIS B 71 -14.84 -2.62 18.22
C HIS B 71 -15.91 -3.70 18.34
N GLY B 72 -16.08 -4.51 17.32
CA GLY B 72 -16.92 -5.71 17.33
C GLY B 72 -16.48 -6.72 16.30
N GLY B 73 -17.25 -7.77 16.08
CA GLY B 73 -17.04 -8.78 15.05
C GLY B 73 -17.67 -8.32 13.75
N PRO B 74 -17.32 -8.96 12.64
CA PRO B 74 -17.79 -8.55 11.33
C PRO B 74 -19.31 -8.63 11.24
N LYS B 75 -19.93 -9.56 11.96
CA LYS B 75 -21.39 -9.76 11.86
C LYS B 75 -22.13 -8.92 12.91
N ASP B 76 -21.46 -8.00 13.59
CA ASP B 76 -22.09 -7.06 14.55
C ASP B 76 -22.40 -5.72 13.88
N GLU B 77 -23.48 -5.06 14.26
CA GLU B 77 -23.78 -3.67 13.81
CA GLU B 77 -23.77 -3.68 13.81
C GLU B 77 -22.74 -2.74 14.43
N GLU B 78 -22.46 -2.91 15.69
CA GLU B 78 -21.47 -2.10 16.39
C GLU B 78 -20.09 -2.71 16.15
N ARG B 79 -19.42 -2.19 15.14
CA ARG B 79 -18.07 -2.64 14.77
C ARG B 79 -17.37 -1.41 14.18
N HIS B 80 -16.06 -1.49 14.12
CA HIS B 80 -15.24 -0.62 13.25
C HIS B 80 -15.41 -1.11 11.81
N VAL B 81 -15.29 -0.21 10.86
CA VAL B 81 -15.26 -0.63 9.46
C VAL B 81 -14.19 -1.71 9.28
N GLY B 82 -13.03 -1.54 9.90
CA GLY B 82 -11.92 -2.48 9.70
C GLY B 82 -12.08 -3.81 10.41
N ASP B 83 -13.19 -4.08 11.10
CA ASP B 83 -13.32 -5.30 11.94
C ASP B 83 -13.69 -6.51 11.11
N LEU B 84 -12.71 -7.30 10.71
CA LEU B 84 -12.91 -8.50 9.88
C LEU B 84 -12.76 -9.78 10.71
N GLY B 85 -12.81 -9.62 12.03
CA GLY B 85 -12.93 -10.81 12.91
C GLY B 85 -11.61 -11.51 13.08
N ASN B 86 -11.62 -12.80 12.84
CA ASN B 86 -10.47 -13.70 12.98
C ASN B 86 -10.29 -14.55 11.74
N VAL B 87 -9.04 -14.90 11.46
CA VAL B 87 -8.73 -15.98 10.52
C VAL B 87 -8.28 -17.12 11.46
N THR B 88 -8.48 -18.34 11.01
CA THR B 88 -8.21 -19.53 11.86
C THR B 88 -7.13 -20.35 11.16
N ALA B 89 -6.01 -20.55 11.85
CA ALA B 89 -4.90 -21.39 11.40
C ALA B 89 -5.07 -22.79 11.99
N ASP B 90 -4.63 -23.73 11.20
CA ASP B 90 -4.62 -25.15 11.61
CA ASP B 90 -4.61 -25.15 11.61
C ASP B 90 -3.26 -25.47 12.21
N LYS B 91 -3.04 -26.72 12.58
CA LYS B 91 -1.74 -27.18 13.10
C LYS B 91 -0.60 -26.88 12.13
N ASP B 92 -0.89 -26.81 10.84
CA ASP B 92 0.17 -26.58 9.82
CA ASP B 92 0.17 -26.58 9.82
C ASP B 92 0.56 -25.10 9.83
N GLY B 93 -0.18 -24.28 10.57
CA GLY B 93 0.04 -22.84 10.67
C GLY B 93 -0.53 -22.08 9.47
N VAL B 94 -1.41 -22.70 8.68
CA VAL B 94 -2.03 -22.07 7.49
C VAL B 94 -3.46 -21.67 7.79
N ALA B 95 -3.82 -20.41 7.52
CA ALA B 95 -5.23 -19.94 7.55
C ALA B 95 -5.66 -19.74 6.12
N ASP B 96 -6.70 -20.48 5.77
CA ASP B 96 -7.44 -20.29 4.50
C ASP B 96 -8.48 -19.22 4.74
N VAL B 97 -8.32 -18.08 4.05
CA VAL B 97 -9.20 -16.92 4.26
C VAL B 97 -10.28 -16.95 3.18
N SER B 98 -11.51 -16.95 3.66
CA SER B 98 -12.69 -16.85 2.80
C SER B 98 -13.78 -16.10 3.57
N ILE B 99 -13.93 -14.81 3.27
CA ILE B 99 -14.76 -13.83 4.04
C ILE B 99 -15.64 -13.15 2.99
N GLU B 100 -16.88 -12.85 3.28
CA GLU B 100 -17.63 -11.85 2.49
C GLU B 100 -18.06 -10.80 3.51
N ASP B 101 -17.81 -9.54 3.23
CA ASP B 101 -18.12 -8.46 4.17
C ASP B 101 -18.88 -7.32 3.48
N SER B 102 -19.90 -6.79 4.14
CA SER B 102 -20.78 -5.76 3.57
C SER B 102 -20.47 -4.35 4.09
N VAL B 103 -19.54 -4.23 5.01
CA VAL B 103 -19.22 -2.95 5.65
C VAL B 103 -17.98 -2.34 5.00
N ILE B 104 -16.90 -3.08 4.89
CA ILE B 104 -15.77 -2.58 4.06
C ILE B 104 -16.29 -2.26 2.66
N SER B 105 -15.52 -1.45 1.97
CA SER B 105 -15.80 -1.13 0.55
C SER B 105 -14.48 -0.89 -0.16
N LEU B 106 -14.53 -0.94 -1.47
CA LEU B 106 -13.41 -0.59 -2.35
C LEU B 106 -13.69 0.77 -3.01
N SER B 107 -14.75 1.49 -2.57
CA SER B 107 -14.92 2.92 -2.92
C SER B 107 -15.56 3.70 -1.77
N GLY B 108 -15.56 5.04 -1.85
CA GLY B 108 -16.28 5.85 -0.87
C GLY B 108 -15.62 5.94 0.50
N ASP B 109 -16.36 6.39 1.51
CA ASP B 109 -15.87 6.71 2.88
CA ASP B 109 -15.71 6.70 2.81
C ASP B 109 -15.45 5.43 3.60
N HIS B 110 -15.97 4.31 3.19
CA HIS B 110 -15.67 3.00 3.83
C HIS B 110 -14.53 2.32 3.06
N CYS B 111 -13.89 3.01 2.13
CA CYS B 111 -12.88 2.40 1.26
C CYS B 111 -11.65 2.04 2.08
N ILE B 112 -11.14 0.86 1.80
CA ILE B 112 -9.97 0.34 2.55
C ILE B 112 -8.67 0.47 1.74
N ILE B 113 -8.76 0.93 0.52
CA ILE B 113 -7.53 1.15 -0.30
C ILE B 113 -6.60 2.13 0.40
N GLY B 114 -5.31 1.78 0.42
CA GLY B 114 -4.34 2.70 1.03
C GLY B 114 -4.25 2.56 2.53
N ARG B 115 -5.03 1.66 3.10
CA ARG B 115 -5.01 1.35 4.54
C ARG B 115 -4.18 0.09 4.70
N THR B 116 -4.05 -0.40 5.92
CA THR B 116 -3.20 -1.57 6.20
C THR B 116 -4.04 -2.73 6.69
N LEU B 117 -3.85 -3.90 6.11
CA LEU B 117 -4.43 -5.14 6.67
C LEU B 117 -3.42 -5.74 7.63
N VAL B 118 -3.87 -6.19 8.80
CA VAL B 118 -2.99 -6.73 9.84
C VAL B 118 -3.56 -8.07 10.32
N VAL B 119 -2.66 -9.02 10.47
CA VAL B 119 -3.02 -10.28 11.16
C VAL B 119 -2.29 -10.27 12.49
N HIS B 120 -3.05 -10.54 13.53
CA HIS B 120 -2.62 -10.40 14.94
C HIS B 120 -2.17 -11.72 15.58
N GLU B 121 -1.47 -11.52 16.70
CA GLU B 121 -0.88 -12.58 17.58
C GLU B 121 -1.95 -13.51 18.15
N LYS B 122 -3.02 -12.91 18.65
CA LYS B 122 -4.05 -13.66 19.40
C LYS B 122 -5.43 -13.57 18.74
N ALA B 123 -6.39 -14.28 19.28
CA ALA B 123 -7.82 -14.13 18.96
C ALA B 123 -8.34 -12.71 19.27
N ASP B 124 -9.13 -12.20 18.32
CA ASP B 124 -10.09 -11.11 18.54
C ASP B 124 -11.32 -11.67 19.22
N ASP B 125 -11.62 -11.12 20.37
CA ASP B 125 -12.80 -11.56 21.17
C ASP B 125 -14.07 -10.94 20.66
N LEU B 126 -13.98 -10.22 19.54
CA LEU B 126 -15.14 -9.65 18.81
C LEU B 126 -15.90 -8.71 19.74
N GLY B 127 -15.20 -8.08 20.70
CA GLY B 127 -15.76 -7.12 21.67
C GLY B 127 -16.60 -7.77 22.75
N LYS B 128 -16.60 -9.11 22.87
CA LYS B 128 -17.47 -9.84 23.85
C LYS B 128 -16.62 -10.24 25.04
N GLY B 129 -15.42 -9.65 25.17
CA GLY B 129 -14.39 -10.12 26.09
C GLY B 129 -14.58 -9.59 27.53
N GLY B 130 -15.44 -8.59 27.72
CA GLY B 130 -15.82 -8.10 29.07
C GLY B 130 -14.66 -7.42 29.79
N ASN B 131 -13.69 -6.90 29.04
CA ASN B 131 -12.76 -5.87 29.57
C ASN B 131 -12.85 -4.67 28.63
N GLU B 132 -12.29 -3.54 29.05
CA GLU B 132 -12.34 -2.28 28.28
C GLU B 132 -11.71 -2.47 26.91
N GLU B 133 -10.55 -3.11 26.86
CA GLU B 133 -9.81 -3.25 25.59
C GLU B 133 -10.62 -4.12 24.60
N SER B 134 -11.56 -4.94 25.06
CA SER B 134 -12.39 -5.76 24.15
C SER B 134 -13.07 -4.87 23.11
N THR B 135 -13.56 -3.71 23.56
CA THR B 135 -14.40 -2.72 22.82
C THR B 135 -13.50 -1.83 21.97
N LYS B 136 -12.19 -2.03 22.00
CA LYS B 136 -11.23 -1.16 21.28
C LYS B 136 -10.42 -2.00 20.28
N THR B 137 -9.74 -3.04 20.75
CA THR B 137 -8.83 -3.87 19.92
C THR B 137 -9.29 -5.31 19.84
N GLY B 138 -10.21 -5.78 20.69
CA GLY B 138 -10.62 -7.20 20.75
C GLY B 138 -9.56 -8.03 21.44
N ASN B 139 -8.54 -7.39 22.02
CA ASN B 139 -7.48 -8.11 22.78
C ASN B 139 -6.70 -9.06 21.86
N ALA B 140 -6.54 -8.68 20.59
CA ALA B 140 -5.87 -9.56 19.63
C ALA B 140 -4.34 -9.44 19.65
N GLY B 141 -3.80 -8.54 20.47
CA GLY B 141 -2.36 -8.55 20.73
C GLY B 141 -1.58 -8.00 19.57
N SER B 142 -0.36 -8.49 19.45
CA SER B 142 0.61 -7.78 18.61
C SER B 142 0.32 -8.04 17.14
N ARG B 143 1.06 -7.38 16.29
CA ARG B 143 0.87 -7.43 14.82
C ARG B 143 1.92 -8.32 14.19
N LEU B 144 1.50 -9.45 13.71
CA LEU B 144 2.46 -10.46 13.19
C LEU B 144 2.88 -10.13 11.78
N ALA B 145 1.95 -9.67 10.94
CA ALA B 145 2.24 -9.34 9.54
C ALA B 145 1.20 -8.32 9.07
N CYS B 146 1.58 -7.54 8.08
CA CYS B 146 0.70 -6.51 7.55
C CYS B 146 1.14 -6.12 6.18
N GLY B 147 0.28 -5.39 5.54
CA GLY B 147 0.59 -4.81 4.22
C GLY B 147 -0.35 -3.68 3.89
N VAL B 148 0.04 -2.83 2.98
CA VAL B 148 -0.83 -1.75 2.51
C VAL B 148 -1.74 -2.35 1.46
N ILE B 149 -2.98 -1.94 1.49
CA ILE B 149 -4.02 -2.45 0.59
C ILE B 149 -4.01 -1.69 -0.72
N GLY B 150 -3.73 -2.39 -1.81
CA GLY B 150 -3.41 -1.77 -3.11
C GLY B 150 -4.41 -2.11 -4.20
N ILE B 151 -4.49 -1.29 -5.21
CA ILE B 151 -5.35 -1.51 -6.38
C ILE B 151 -4.75 -2.61 -7.22
N ALA B 152 -5.58 -3.58 -7.60
CA ALA B 152 -5.13 -4.70 -8.44
C ALA B 152 -5.74 -4.54 -9.81
N GLN B 153 -5.11 -5.26 -10.71
CA GLN B 153 -5.53 -5.37 -12.12
C GLN B 153 -6.84 -6.18 -12.24
ZN ZN C . 5.90 7.02 -17.76
C1 Q7T D . -11.64 9.85 -4.75
C13 Q7T D . -7.18 9.84 1.59
C12 Q7T D . -6.60 10.22 2.78
C11 Q7T D . -7.31 10.17 3.99
C10 Q7T D . -8.62 9.74 3.99
C6 Q7T D . -9.62 10.42 -1.56
C7 Q7T D . -9.23 8.99 0.34
C8 Q7T D . -8.50 9.40 1.60
C9 Q7T D . -9.21 9.34 2.79
C5 Q7T D . -9.96 10.06 -2.98
C4 Q7T D . -8.93 9.49 -3.91
C3 Q7T D . -9.35 9.11 -5.21
C2 Q7T D . -10.68 9.31 -5.61
O Q7T D . -10.30 11.29 -1.01
SE Q7T D . -7.45 9.32 -3.35
C Q7T D . -11.29 10.22 -3.45
N Q7T D . -8.78 9.60 -0.90
ZN ZN E . 9.20 2.27 -13.61
S SO4 F . 13.04 -0.89 -20.00
O1 SO4 F . 14.30 -0.15 -19.92
O2 SO4 F . 12.03 -0.12 -19.31
O3 SO4 F . 13.20 -2.15 -19.35
O4 SO4 F . 12.64 -1.10 -21.36
ZN ZN G . -11.95 -2.91 15.72
C1 Q7T H . -8.02 6.51 -1.79
C13 Q7T H . -9.85 2.98 -6.95
C12 Q7T H . -9.90 1.67 -7.48
C11 Q7T H . -9.67 1.49 -8.85
C10 Q7T H . -9.43 2.59 -9.66
C6 Q7T H . -10.00 5.47 -4.84
C7 Q7T H . -9.55 5.51 -7.24
C8 Q7T H . -9.59 4.08 -7.77
C9 Q7T H . -9.38 3.89 -9.14
C5 Q7T H . -9.55 5.56 -3.41
C4 Q7T H . -10.23 4.77 -2.34
C3 Q7T H . -9.70 4.95 -1.04
C2 Q7T H . -8.61 5.78 -0.77
O Q7T H . -11.21 5.30 -5.04
SE Q7T H . -11.48 3.80 -2.81
C Q7T H . -8.48 6.39 -3.10
N Q7T H . -9.11 5.59 -5.85
ZN ZN I . -5.37 -5.02 14.88
S SO4 J . -3.92 -5.35 22.62
O1 SO4 J . -4.03 -4.43 23.74
O2 SO4 J . -2.55 -5.35 22.15
O3 SO4 J . -4.29 -6.68 23.01
O4 SO4 J . -4.78 -4.90 21.57
S SO4 K . 2.77 -4.23 17.69
O1 SO4 K . 2.61 -3.23 16.66
O2 SO4 K . 3.92 -3.85 18.51
O3 SO4 K . 1.60 -4.28 18.51
O4 SO4 K . 2.98 -5.51 17.13
#